data_5XJD
#
_entry.id   5XJD
#
_cell.length_a   74.500
_cell.length_b   74.500
_cell.length_c   252.500
_cell.angle_alpha   90.00
_cell.angle_beta   90.00
_cell.angle_gamma   90.00
#
_symmetry.space_group_name_H-M   'P 43 21 2'
#
loop_
_entity.id
_entity.type
_entity.pdbx_description
1 polymer 'Transcriptional enhancer factor TEF-3'
2 non-polymer '(2S)-2-phenyl-2-pyrrol-1-yl-ethanoic acid'
3 water water
#
_entity_poly.entity_id   1
_entity_poly.type   'polypeptide(L)'
_entity_poly.pdbx_seq_one_letter_code
;SMRSIASSKLWMLEFSAFLERQQDPDTYNKHLFVHISQSSPSYSDPYLETVDIRQIYDKFPEKKGGLKELFERGPSNAFF
LVKFWADLNTNIDDEGSAFYGVSSQYESPENMIITCSTKVCSFGKQVVEKVETEYARYENGHYLYRIHRSPLCEYMINFI
HKLKHLPEKYMMNSVLENFTILQVVTNRDTQETLLCIAYVFEVSASEHGAQHHIYRLVKE
;
_entity_poly.pdbx_strand_id   A,B
#
# COMPACT_ATOMS: atom_id res chain seq x y z
N ARG A 3 -0.33 -16.36 -32.04
CA ARG A 3 1.04 -16.83 -31.65
C ARG A 3 1.78 -15.93 -30.65
N SER A 4 1.41 -14.65 -30.57
CA SER A 4 2.22 -13.64 -29.87
C SER A 4 1.40 -12.39 -29.59
N ILE A 5 2.01 -11.40 -28.93
CA ILE A 5 1.29 -10.22 -28.54
C ILE A 5 1.21 -9.30 -29.76
N ALA A 6 0.16 -9.48 -30.54
CA ALA A 6 0.00 -8.77 -31.80
C ALA A 6 -1.45 -8.59 -32.16
N SER A 7 -1.81 -7.39 -32.58
CA SER A 7 -3.08 -7.15 -33.27
C SER A 7 -2.77 -7.02 -34.75
N SER A 8 -3.72 -6.58 -35.55
CA SER A 8 -3.47 -6.33 -36.98
C SER A 8 -2.56 -5.12 -37.18
N LYS A 9 -2.57 -4.18 -36.24
CA LYS A 9 -1.88 -2.91 -36.44
C LYS A 9 -0.67 -2.65 -35.55
N LEU A 10 -0.44 -3.48 -34.53
CA LEU A 10 0.71 -3.28 -33.63
C LEU A 10 1.12 -4.58 -32.98
N TRP A 11 2.42 -4.80 -32.87
CA TRP A 11 2.93 -5.94 -32.13
C TRP A 11 4.12 -5.62 -31.25
N MET A 12 4.12 -6.23 -30.06
CA MET A 12 5.22 -6.13 -29.14
C MET A 12 6.38 -7.00 -29.61
N LEU A 13 7.56 -6.39 -29.72
CA LEU A 13 8.77 -7.17 -29.99
C LEU A 13 9.52 -7.48 -28.69
N GLU A 14 9.59 -6.52 -27.78
CA GLU A 14 10.47 -6.58 -26.62
C GLU A 14 9.83 -5.82 -25.48
N PHE A 15 10.08 -6.29 -24.26
CA PHE A 15 9.68 -5.56 -23.06
C PHE A 15 10.62 -6.01 -21.93
N SER A 16 11.11 -5.06 -21.14
CA SER A 16 11.97 -5.41 -20.00
C SER A 16 11.92 -4.35 -18.90
N ALA A 17 12.11 -4.79 -17.67
CA ALA A 17 12.25 -3.92 -16.52
C ALA A 17 13.46 -4.45 -15.78
N PHE A 18 14.34 -3.54 -15.39
CA PHE A 18 15.66 -3.92 -14.93
C PHE A 18 16.23 -2.99 -13.89
N LEU A 19 17.24 -3.50 -13.20
CA LEU A 19 18.04 -2.72 -12.26
C LEU A 19 19.47 -2.76 -12.75
N GLU A 20 20.01 -1.60 -13.07
CA GLU A 20 21.38 -1.53 -13.58
C GLU A 20 22.28 -0.89 -12.55
N ARG A 21 23.30 -1.60 -12.14
CA ARG A 21 24.19 -1.14 -11.09
C ARG A 21 25.62 -1.02 -11.63
N GLN A 22 26.07 0.23 -11.76
CA GLN A 22 27.44 0.51 -12.25
C GLN A 22 28.41 0.15 -11.14
N GLN A 23 29.23 -0.88 -11.37
CA GLN A 23 30.18 -1.39 -10.35
C GLN A 23 31.53 -0.66 -10.39
N ASP A 24 32.03 -0.32 -11.59
CA ASP A 24 33.20 0.60 -11.72
C ASP A 24 33.01 1.48 -12.95
N PRO A 25 34.04 2.25 -13.37
CA PRO A 25 33.84 3.07 -14.57
C PRO A 25 33.39 2.36 -15.86
N ASP A 26 33.81 1.12 -16.08
CA ASP A 26 33.45 0.38 -17.29
C ASP A 26 32.68 -0.94 -17.09
N THR A 27 32.34 -1.27 -15.84
CA THR A 27 31.59 -2.51 -15.53
C THR A 27 30.21 -2.23 -14.90
N TYR A 28 29.17 -2.87 -15.42
CA TYR A 28 27.83 -2.71 -14.90
C TYR A 28 27.12 -4.07 -14.79
N ASN A 29 26.31 -4.26 -13.75
CA ASN A 29 25.41 -5.40 -13.60
C ASN A 29 24.02 -4.94 -14.04
N LYS A 30 23.36 -5.74 -14.87
CA LYS A 30 22.01 -5.40 -15.34
C LYS A 30 21.12 -6.57 -14.93
N HIS A 31 20.30 -6.37 -13.90
CA HIS A 31 19.42 -7.43 -13.43
C HIS A 31 18.04 -7.25 -14.09
N LEU A 32 17.55 -8.29 -14.76
CA LEU A 32 16.23 -8.25 -15.38
C LEU A 32 15.16 -8.74 -14.39
N PHE A 33 14.21 -7.87 -14.02
CA PHE A 33 13.07 -8.27 -13.19
C PHE A 33 12.09 -9.08 -14.01
N VAL A 34 11.76 -8.57 -15.19
CA VAL A 34 10.90 -9.25 -16.16
C VAL A 34 11.43 -8.97 -17.56
N HIS A 35 11.08 -9.84 -18.51
CA HIS A 35 11.70 -9.78 -19.81
C HIS A 35 10.93 -10.61 -20.84
N ILE A 36 10.42 -9.94 -21.87
CA ILE A 36 9.82 -10.60 -23.03
C ILE A 36 10.62 -10.19 -24.26
N SER A 37 11.02 -11.18 -25.06
CA SER A 37 11.60 -10.95 -26.37
C SER A 37 11.00 -11.88 -27.41
N GLN A 38 10.34 -11.36 -28.45
CA GLN A 38 9.69 -12.20 -29.50
C GLN A 38 9.88 -11.75 -30.95
N ASP A 45 6.28 -21.67 -33.52
CA ASP A 45 4.96 -21.10 -33.80
C ASP A 45 3.81 -22.07 -33.41
N PRO A 46 3.34 -22.01 -32.13
CA PRO A 46 2.05 -22.58 -31.66
C PRO A 46 1.02 -21.52 -31.24
N TYR A 47 -0.25 -21.92 -31.14
CA TYR A 47 -1.33 -21.03 -30.66
C TYR A 47 -1.21 -20.64 -29.16
N LEU A 48 -1.55 -19.39 -28.85
CA LEU A 48 -1.61 -18.95 -27.46
C LEU A 48 -2.83 -19.59 -26.82
N GLU A 49 -2.69 -19.96 -25.54
CA GLU A 49 -3.82 -20.39 -24.73
C GLU A 49 -4.76 -19.18 -24.51
N THR A 50 -6.04 -19.46 -24.20
CA THR A 50 -7.04 -18.40 -24.01
C THR A 50 -7.55 -18.31 -22.58
N VAL A 51 -7.91 -17.10 -22.19
CA VAL A 51 -8.46 -16.80 -20.88
C VAL A 51 -9.71 -15.96 -21.09
N ASP A 52 -10.82 -16.36 -20.49
CA ASP A 52 -12.03 -15.56 -20.50
C ASP A 52 -11.85 -14.27 -19.69
N ILE A 53 -12.05 -13.15 -20.37
CA ILE A 53 -11.83 -11.83 -19.79
C ILE A 53 -12.75 -11.52 -18.60
N ARG A 54 -13.92 -12.15 -18.54
CA ARG A 54 -14.81 -11.99 -17.37
C ARG A 54 -14.18 -12.46 -16.06
N GLN A 55 -13.27 -13.43 -16.13
CA GLN A 55 -12.54 -13.91 -14.95
C GLN A 55 -11.66 -12.82 -14.31
N ILE A 56 -11.27 -11.81 -15.08
CA ILE A 56 -10.29 -10.82 -14.59
C ILE A 56 -10.80 -9.38 -14.44
N TYR A 57 -12.06 -9.10 -14.79
CA TYR A 57 -12.63 -7.73 -14.57
C TYR A 57 -12.48 -7.20 -13.12
N ASP A 58 -12.70 -8.07 -12.15
CA ASP A 58 -12.54 -7.70 -10.75
C ASP A 58 -11.11 -7.25 -10.35
N LYS A 59 -10.05 -7.69 -11.05
CA LYS A 59 -8.66 -7.24 -10.75
C LYS A 59 -8.23 -5.96 -11.49
N PHE A 60 -9.02 -5.51 -12.45
CA PHE A 60 -8.65 -4.37 -13.29
C PHE A 60 -9.59 -3.14 -13.17
N PRO A 61 -9.20 -1.95 -13.71
CA PRO A 61 -10.11 -0.78 -13.58
C PRO A 61 -11.47 -0.95 -14.29
N GLU A 62 -12.56 -0.78 -13.53
CA GLU A 62 -13.95 -1.01 -13.97
C GLU A 62 -14.63 0.33 -14.24
N LYS A 63 -15.92 0.30 -14.59
CA LYS A 63 -16.77 1.50 -14.73
C LYS A 63 -16.43 2.19 -16.09
N LYS A 64 -16.59 3.51 -16.18
CA LYS A 64 -16.26 4.27 -17.40
C LYS A 64 -14.77 4.12 -17.74
N GLY A 65 -14.49 3.85 -19.02
CA GLY A 65 -13.13 3.64 -19.50
C GLY A 65 -12.45 2.35 -19.04
N GLY A 66 -13.20 1.44 -18.40
CA GLY A 66 -12.64 0.23 -17.82
C GLY A 66 -12.41 -0.89 -18.81
N LEU A 67 -11.85 -2.00 -18.32
CA LEU A 67 -11.45 -3.11 -19.20
C LEU A 67 -12.63 -3.64 -20.00
N LYS A 68 -13.77 -3.82 -19.32
CA LYS A 68 -14.98 -4.31 -19.95
C LYS A 68 -15.43 -3.44 -21.09
N GLU A 69 -15.51 -2.14 -20.83
CA GLU A 69 -15.88 -1.20 -21.88
C GLU A 69 -14.88 -1.22 -23.05
N LEU A 70 -13.59 -1.24 -22.74
CA LEU A 70 -12.54 -1.32 -23.78
C LEU A 70 -12.68 -2.60 -24.63
N PHE A 71 -12.84 -3.74 -23.96
CA PHE A 71 -12.99 -5.01 -24.67
C PHE A 71 -14.20 -5.01 -25.61
N GLU A 72 -15.33 -4.50 -25.14
CA GLU A 72 -16.55 -4.47 -25.95
C GLU A 72 -16.44 -3.55 -27.16
N ARG A 73 -15.75 -2.43 -27.00
CA ARG A 73 -15.43 -1.56 -28.14
C ARG A 73 -14.55 -2.31 -29.14
N GLY A 74 -13.59 -3.09 -28.67
CA GLY A 74 -12.78 -3.92 -29.56
C GLY A 74 -11.63 -3.11 -30.18
N PRO A 75 -10.92 -3.67 -31.16
CA PRO A 75 -11.16 -5.03 -31.67
C PRO A 75 -10.73 -6.12 -30.68
N SER A 76 -11.44 -7.24 -30.69
CA SER A 76 -11.23 -8.31 -29.71
C SER A 76 -9.85 -8.98 -29.84
N ASN A 77 -9.23 -8.91 -31.02
CA ASN A 77 -7.89 -9.45 -31.25
C ASN A 77 -6.71 -8.63 -30.64
N ALA A 78 -7.00 -7.51 -29.97
CA ALA A 78 -5.98 -6.64 -29.41
C ALA A 78 -5.66 -6.88 -27.93
N PHE A 79 -6.28 -7.88 -27.31
CA PHE A 79 -6.34 -8.02 -25.85
C PHE A 79 -5.61 -9.29 -25.37
N PHE A 80 -4.65 -9.11 -24.46
CA PHE A 80 -3.75 -10.16 -24.00
C PHE A 80 -3.54 -10.06 -22.52
N LEU A 81 -3.26 -11.19 -21.90
CA LEU A 81 -2.90 -11.29 -20.49
C LEU A 81 -1.49 -11.87 -20.44
N VAL A 82 -0.62 -11.19 -19.72
CA VAL A 82 0.72 -11.69 -19.49
C VAL A 82 0.90 -11.98 -18.00
N LYS A 83 1.31 -13.22 -17.71
CA LYS A 83 1.73 -13.56 -16.36
C LYS A 83 3.24 -13.53 -16.27
N PHE A 84 3.75 -12.72 -15.34
CA PHE A 84 5.20 -12.66 -15.08
C PHE A 84 5.57 -13.37 -13.79
N TRP A 85 6.68 -14.11 -13.83
CA TRP A 85 7.38 -14.54 -12.62
C TRP A 85 8.58 -13.58 -12.54
N ALA A 86 8.47 -12.56 -11.69
CA ALA A 86 9.47 -11.51 -11.59
C ALA A 86 10.67 -11.98 -10.78
N ASP A 87 11.88 -11.77 -11.30
CA ASP A 87 13.09 -12.16 -10.59
C ASP A 87 13.49 -11.05 -9.61
N LEU A 88 13.32 -11.31 -8.32
CA LEU A 88 13.67 -10.34 -7.30
C LEU A 88 14.98 -10.67 -6.59
N ASN A 89 15.74 -11.63 -7.12
CA ASN A 89 17.05 -11.99 -6.53
C ASN A 89 18.18 -11.04 -6.98
N THR A 90 18.26 -9.89 -6.34
CA THR A 90 19.28 -8.89 -6.66
C THR A 90 19.44 -7.87 -5.53
N ASN A 91 20.58 -7.23 -5.41
CA ASN A 91 20.78 -6.33 -4.30
C ASN A 91 20.19 -4.98 -4.53
N ILE A 92 19.42 -4.52 -3.58
CA ILE A 92 18.81 -3.24 -3.72
C ILE A 92 19.27 -2.29 -2.63
N ASP A 93 20.38 -2.62 -1.98
CA ASP A 93 20.95 -1.77 -0.95
C ASP A 93 21.48 -0.47 -1.53
N GLY A 96 22.39 2.71 -4.22
CA GLY A 96 22.89 4.05 -4.46
C GLY A 96 23.22 4.35 -5.91
N SER A 97 24.15 3.58 -6.46
CA SER A 97 24.55 3.72 -7.84
C SER A 97 23.64 2.87 -8.73
N ALA A 98 22.34 2.96 -8.54
CA ALA A 98 21.45 2.14 -9.30
C ALA A 98 20.44 2.87 -10.11
N PHE A 99 20.05 2.24 -11.20
CA PHE A 99 19.05 2.80 -12.06
C PHE A 99 18.01 1.75 -12.33
N TYR A 100 16.79 2.03 -11.99
CA TYR A 100 15.68 1.16 -12.23
C TYR A 100 15.05 1.66 -13.51
N GLY A 101 14.97 0.78 -14.51
CA GLY A 101 14.57 1.20 -15.84
C GLY A 101 13.62 0.24 -16.52
N VAL A 102 12.96 0.77 -17.55
CA VAL A 102 12.03 0.00 -18.38
C VAL A 102 12.36 0.30 -19.82
N SER A 103 12.28 -0.73 -20.66
CA SER A 103 12.54 -0.60 -22.12
C SER A 103 11.55 -1.46 -22.86
N SER A 104 11.23 -1.08 -24.09
CA SER A 104 10.30 -1.88 -24.90
C SER A 104 10.34 -1.46 -26.35
N GLN A 105 9.84 -2.34 -27.21
CA GLN A 105 9.81 -2.10 -28.65
C GLN A 105 8.55 -2.69 -29.25
N TYR A 106 7.98 -1.94 -30.19
CA TYR A 106 6.78 -2.33 -30.91
C TYR A 106 6.98 -2.08 -32.38
N GLU A 107 6.17 -2.75 -33.19
CA GLU A 107 6.21 -2.62 -34.61
C GLU A 107 4.79 -2.57 -35.17
N SER A 108 4.60 -1.74 -36.19
CA SER A 108 3.34 -1.54 -36.91
C SER A 108 3.61 -1.49 -38.43
N PRO A 109 2.62 -1.90 -39.24
CA PRO A 109 2.66 -1.62 -40.68
C PRO A 109 2.36 -0.19 -41.08
N GLU A 110 1.88 0.63 -40.15
CA GLU A 110 1.56 2.02 -40.47
C GLU A 110 2.23 3.04 -39.54
N ASN A 111 2.44 4.24 -40.06
CA ASN A 111 3.05 5.32 -39.31
C ASN A 111 2.01 6.03 -38.45
N MET A 112 1.89 5.60 -37.21
CA MET A 112 0.93 6.17 -36.27
C MET A 112 1.67 6.94 -35.19
N ILE A 113 0.97 7.90 -34.61
CA ILE A 113 1.32 8.39 -33.29
C ILE A 113 0.50 7.61 -32.27
N ILE A 114 1.18 7.02 -31.28
CA ILE A 114 0.51 6.15 -30.31
C ILE A 114 0.52 6.75 -28.91
N THR A 115 -0.56 6.48 -28.18
CA THR A 115 -0.70 6.91 -26.78
C THR A 115 -0.62 5.63 -25.95
N CYS A 116 0.30 5.61 -24.98
CA CYS A 116 0.48 4.47 -24.10
C CYS A 116 0.02 4.85 -22.68
N SER A 117 -1.05 4.20 -22.23
CA SER A 117 -1.60 4.39 -20.89
C SER A 117 -1.28 3.17 -20.02
N THR A 118 -0.73 3.42 -18.84
CA THR A 118 -0.39 2.37 -17.89
C THR A 118 -1.11 2.67 -16.56
N LYS A 119 -1.96 1.75 -16.11
CA LYS A 119 -2.63 1.87 -14.83
C LYS A 119 -2.20 0.75 -13.91
N VAL A 120 -1.77 1.12 -12.71
CA VAL A 120 -1.40 0.16 -11.68
C VAL A 120 -2.54 0.09 -10.69
N CYS A 121 -3.02 -1.14 -10.44
CA CYS A 121 -4.14 -1.37 -9.53
C CYS A 121 -3.65 -2.25 -8.41
N SER A 122 -3.96 -1.83 -7.18
CA SER A 122 -3.53 -2.50 -5.97
C SER A 122 -4.78 -2.69 -5.12
N PHE A 123 -5.09 -3.95 -4.84
CA PHE A 123 -6.23 -4.36 -4.03
C PHE A 123 -7.52 -3.64 -4.39
N GLY A 124 -7.82 -3.66 -5.69
CA GLY A 124 -9.02 -3.02 -6.21
C GLY A 124 -8.73 -1.68 -6.83
N LYS A 125 -8.02 -0.81 -6.09
CA LYS A 125 -7.92 0.60 -6.46
C LYS A 125 -6.75 0.98 -7.42
N GLN A 126 -7.03 1.92 -8.32
CA GLN A 126 -6.03 2.47 -9.22
C GLN A 126 -5.09 3.39 -8.42
N VAL A 127 -3.84 2.99 -8.28
CA VAL A 127 -2.87 3.73 -7.48
C VAL A 127 -1.91 4.60 -8.30
N VAL A 128 -1.69 4.27 -9.58
CA VAL A 128 -0.83 5.07 -10.47
C VAL A 128 -1.50 5.08 -11.85
N GLU A 129 -1.43 6.21 -12.54
CA GLU A 129 -1.73 6.29 -13.96
C GLU A 129 -0.64 7.08 -14.67
N LYS A 130 -0.03 6.48 -15.68
CA LYS A 130 0.96 7.14 -16.51
C LYS A 130 0.43 7.15 -17.95
N VAL A 131 0.55 8.29 -18.64
CA VAL A 131 0.21 8.37 -20.07
C VAL A 131 1.36 9.01 -20.83
N GLU A 132 1.77 8.38 -21.93
CA GLU A 132 2.89 8.83 -22.77
C GLU A 132 2.48 8.78 -24.24
N THR A 133 3.05 9.66 -25.04
CA THR A 133 2.89 9.64 -26.49
C THR A 133 4.21 9.12 -27.04
N GLU A 134 4.17 8.11 -27.92
CA GLU A 134 5.37 7.65 -28.62
C GLU A 134 5.25 7.79 -30.14
N TYR A 135 6.42 7.83 -30.79
CA TYR A 135 6.56 8.21 -32.21
C TYR A 135 7.34 7.13 -32.95
N ALA A 136 7.01 6.92 -34.21
CA ALA A 136 7.57 5.87 -35.01
C ALA A 136 8.84 6.27 -35.75
N ARG A 137 9.66 5.26 -36.06
CA ARG A 137 10.73 5.37 -37.03
C ARG A 137 10.53 4.30 -38.08
N TYR A 138 10.63 4.70 -39.32
CA TYR A 138 10.61 3.79 -40.44
C TYR A 138 11.78 2.83 -40.42
N GLU A 139 11.48 1.56 -40.61
CA GLU A 139 12.52 0.56 -40.91
C GLU A 139 11.96 -0.54 -41.85
N ASN A 140 12.50 -0.61 -43.06
CA ASN A 140 12.22 -1.67 -44.05
C ASN A 140 10.73 -1.89 -44.34
N GLY A 141 10.01 -0.80 -44.58
CA GLY A 141 8.59 -0.83 -44.90
C GLY A 141 7.63 -0.95 -43.71
N HIS A 142 8.17 -1.07 -42.49
CA HIS A 142 7.37 -1.01 -41.26
C HIS A 142 7.80 0.14 -40.33
N TYR A 143 7.30 0.29 -39.20
CA TYR A 143 7.44 1.45 -38.35
C TYR A 143 7.54 1.02 -36.91
N LEU A 144 8.68 1.38 -36.37
CA LEU A 144 9.19 0.92 -35.07
C LEU A 144 9.01 1.95 -33.98
N TYR A 145 8.58 1.50 -32.81
CA TYR A 145 8.45 2.32 -31.60
C TYR A 145 9.39 1.76 -30.58
N ARG A 146 10.12 2.64 -29.91
CA ARG A 146 11.12 2.21 -28.92
C ARG A 146 11.04 3.07 -27.68
N ILE A 147 10.95 2.44 -26.52
CA ILE A 147 11.15 3.10 -25.24
C ILE A 147 12.48 2.56 -24.75
N HIS A 148 13.44 3.45 -24.52
CA HIS A 148 14.76 3.05 -24.09
C HIS A 148 15.09 3.62 -22.70
N ARG A 149 15.28 2.74 -21.71
CA ARG A 149 15.74 3.15 -20.37
C ARG A 149 14.95 4.31 -19.78
N SER A 150 13.64 4.20 -19.83
CA SER A 150 12.75 5.11 -19.14
C SER A 150 12.74 4.73 -17.63
N PRO A 151 12.77 5.73 -16.71
CA PRO A 151 12.87 5.36 -15.28
C PRO A 151 11.63 4.62 -14.79
N LEU A 152 11.84 3.56 -14.02
CA LEU A 152 10.73 2.83 -13.41
C LEU A 152 10.10 3.77 -12.41
N CYS A 153 8.77 3.87 -12.39
CA CYS A 153 8.13 4.80 -11.47
C CYS A 153 8.45 4.45 -10.02
N GLU A 154 8.49 5.48 -9.20
CA GLU A 154 8.89 5.36 -7.81
C GLU A 154 8.00 4.37 -7.03
N TYR A 155 6.70 4.36 -7.35
CA TYR A 155 5.78 3.44 -6.70
C TYR A 155 6.29 1.99 -6.86
N MET A 156 6.65 1.62 -8.08
CA MET A 156 7.13 0.27 -8.35
C MET A 156 8.47 -0.05 -7.71
N ILE A 157 9.42 0.88 -7.67
CA ILE A 157 10.69 0.56 -7.00
C ILE A 157 10.35 0.12 -5.58
N ASN A 158 9.77 1.08 -4.86
CA ASN A 158 9.37 0.93 -3.48
C ASN A 158 8.62 -0.37 -3.32
N PHE A 159 7.63 -0.61 -4.16
CA PHE A 159 6.92 -1.89 -4.02
C PHE A 159 7.87 -3.09 -4.04
N ILE A 160 8.85 -3.08 -4.95
CA ILE A 160 9.86 -4.12 -5.00
C ILE A 160 10.59 -4.24 -3.65
N HIS A 161 11.03 -3.09 -3.14
CA HIS A 161 11.76 -3.06 -1.86
C HIS A 161 10.90 -3.61 -0.70
N LYS A 162 9.61 -3.29 -0.72
CA LYS A 162 8.69 -3.84 0.30
C LYS A 162 8.50 -5.36 0.18
N LEU A 163 8.30 -5.86 -1.04
CA LEU A 163 8.20 -7.31 -1.25
C LEU A 163 9.43 -8.04 -0.76
N LYS A 164 10.62 -7.47 -1.01
CA LYS A 164 11.86 -8.11 -0.62
C LYS A 164 12.07 -8.18 0.89
N HIS A 165 11.41 -7.32 1.65
CA HIS A 165 11.45 -7.47 3.13
C HIS A 165 10.65 -8.65 3.65
N LEU A 166 9.74 -9.21 2.87
CA LEU A 166 8.90 -10.29 3.36
C LEU A 166 9.72 -11.57 3.45
N PRO A 167 9.47 -12.41 4.45
CA PRO A 167 10.35 -13.57 4.67
C PRO A 167 10.16 -14.78 3.74
N GLU A 168 9.13 -14.77 2.91
CA GLU A 168 8.72 -15.97 2.18
C GLU A 168 8.13 -15.56 0.83
N LYS A 169 8.52 -16.25 -0.22
CA LYS A 169 8.00 -15.96 -1.54
C LYS A 169 6.50 -16.22 -1.66
N TYR A 170 5.98 -17.24 -0.98
CA TYR A 170 4.56 -17.54 -0.97
C TYR A 170 3.76 -16.33 -0.43
N MET A 171 4.31 -15.62 0.55
CA MET A 171 3.70 -14.40 1.07
C MET A 171 3.73 -13.28 0.03
N MET A 172 4.88 -13.13 -0.63
CA MET A 172 5.01 -12.18 -1.72
C MET A 172 3.94 -12.44 -2.79
N ASN A 173 3.76 -13.69 -3.16
CA ASN A 173 2.75 -14.08 -4.14
C ASN A 173 1.32 -13.85 -3.68
N SER A 174 1.03 -14.05 -2.38
CA SER A 174 -0.29 -13.69 -1.84
C SER A 174 -0.59 -12.22 -2.00
N VAL A 175 0.39 -11.39 -1.68
CA VAL A 175 0.24 -9.95 -1.88
C VAL A 175 0.01 -9.65 -3.36
N LEU A 176 0.83 -10.23 -4.23
CA LEU A 176 0.74 -9.98 -5.66
C LEU A 176 -0.56 -10.43 -6.34
N GLU A 177 -1.35 -11.31 -5.71
CA GLU A 177 -2.65 -11.71 -6.24
C GLU A 177 -3.59 -10.55 -6.49
N ASN A 178 -3.43 -9.47 -5.74
CA ASN A 178 -4.31 -8.31 -5.87
C ASN A 178 -3.59 -7.11 -6.48
N PHE A 179 -2.52 -7.39 -7.21
CA PHE A 179 -1.74 -6.37 -7.86
C PHE A 179 -1.75 -6.61 -9.36
N THR A 180 -2.20 -5.61 -10.13
CA THR A 180 -2.21 -5.71 -11.57
C THR A 180 -1.77 -4.43 -12.23
N ILE A 181 -1.34 -4.59 -13.47
CA ILE A 181 -1.03 -3.45 -14.33
C ILE A 181 -1.79 -3.65 -15.62
N LEU A 182 -2.44 -2.58 -16.08
CA LEU A 182 -3.10 -2.56 -17.38
C LEU A 182 -2.43 -1.53 -18.28
N GLN A 183 -1.99 -1.98 -19.45
CA GLN A 183 -1.39 -1.13 -20.49
C GLN A 183 -2.37 -1.08 -21.68
N VAL A 184 -2.75 0.11 -22.11
CA VAL A 184 -3.61 0.30 -23.29
C VAL A 184 -2.88 1.20 -24.26
N VAL A 185 -2.66 0.68 -25.46
CA VAL A 185 -1.98 1.41 -26.52
C VAL A 185 -3.03 1.78 -27.56
N THR A 186 -3.14 3.07 -27.80
CA THR A 186 -4.16 3.64 -28.65
C THR A 186 -3.53 4.43 -29.80
N ASN A 187 -4.13 4.37 -30.99
CA ASN A 187 -3.78 5.32 -32.06
C ASN A 187 -4.30 6.71 -31.68
N ARG A 188 -3.41 7.68 -31.52
CA ARG A 188 -3.80 8.99 -31.02
C ARG A 188 -4.83 9.67 -31.93
N ASP A 189 -4.72 9.50 -33.24
CA ASP A 189 -5.57 10.23 -34.16
C ASP A 189 -6.93 9.51 -34.29
N THR A 190 -6.96 8.21 -34.54
CA THR A 190 -8.22 7.47 -34.72
C THR A 190 -8.90 7.07 -33.42
N GLN A 191 -8.16 7.08 -32.31
CA GLN A 191 -8.62 6.49 -31.04
C GLN A 191 -8.88 4.97 -31.07
N GLU A 192 -8.39 4.28 -32.09
CA GLU A 192 -8.49 2.84 -32.11
C GLU A 192 -7.57 2.21 -31.03
N THR A 193 -8.07 1.19 -30.32
CA THR A 193 -7.25 0.41 -29.42
C THR A 193 -6.36 -0.51 -30.26
N LEU A 194 -5.05 -0.34 -30.13
CA LEU A 194 -4.09 -1.12 -30.89
C LEU A 194 -3.62 -2.34 -30.13
N LEU A 195 -3.42 -2.20 -28.82
CA LEU A 195 -3.04 -3.30 -27.94
C LEU A 195 -3.50 -3.00 -26.54
N CYS A 196 -3.98 -4.03 -25.87
CA CYS A 196 -4.35 -3.90 -24.47
C CYS A 196 -3.80 -5.12 -23.77
N ILE A 197 -2.92 -4.90 -22.81
CA ILE A 197 -2.22 -6.00 -22.15
C ILE A 197 -2.45 -5.88 -20.65
N ALA A 198 -3.06 -6.91 -20.09
CA ALA A 198 -3.22 -7.07 -18.65
C ALA A 198 -2.03 -7.87 -18.11
N TYR A 199 -1.39 -7.36 -17.05
CA TYR A 199 -0.23 -8.01 -16.45
C TYR A 199 -0.54 -8.45 -15.03
N VAL A 200 -0.20 -9.70 -14.71
CA VAL A 200 -0.25 -10.23 -13.35
C VAL A 200 1.10 -10.84 -12.98
N PHE A 201 1.33 -11.05 -11.69
CA PHE A 201 2.66 -11.29 -11.15
C PHE A 201 2.73 -12.33 -10.06
N GLU A 202 3.82 -13.09 -10.13
CA GLU A 202 4.34 -13.91 -9.05
C GLU A 202 5.84 -13.61 -8.97
N VAL A 203 6.47 -14.03 -7.90
CA VAL A 203 7.89 -13.87 -7.73
C VAL A 203 8.52 -15.16 -8.21
N SER A 204 9.62 -15.07 -8.95
CA SER A 204 10.23 -16.29 -9.47
C SER A 204 10.95 -17.00 -8.32
N ALA A 205 10.95 -18.32 -8.38
CA ALA A 205 11.71 -19.18 -7.45
C ALA A 205 13.23 -19.07 -7.54
N SER A 206 13.91 -19.55 -6.50
CA SER A 206 15.36 -19.53 -6.47
C SER A 206 15.87 -20.30 -7.68
N GLU A 207 16.90 -19.71 -8.26
CA GLU A 207 17.60 -20.23 -9.40
C GLU A 207 16.84 -19.99 -10.67
N HIS A 208 15.62 -19.51 -10.56
CA HIS A 208 14.83 -19.37 -11.75
C HIS A 208 14.99 -18.26 -12.76
N GLY A 209 15.17 -17.03 -12.35
CA GLY A 209 15.25 -15.97 -13.34
C GLY A 209 13.86 -15.50 -13.74
N ALA A 210 13.78 -14.59 -14.67
CA ALA A 210 12.47 -14.07 -15.00
C ALA A 210 11.76 -15.00 -16.00
N GLN A 211 10.45 -15.17 -15.86
CA GLN A 211 9.70 -16.03 -16.77
C GLN A 211 8.39 -15.35 -17.03
N HIS A 212 7.70 -15.79 -18.08
CA HIS A 212 6.45 -15.21 -18.48
C HIS A 212 5.60 -16.22 -19.22
N HIS A 213 4.29 -16.00 -19.22
CA HIS A 213 3.38 -16.80 -20.00
C HIS A 213 2.34 -15.84 -20.59
N ILE A 214 2.04 -16.00 -21.86
CA ILE A 214 1.18 -15.08 -22.60
C ILE A 214 -0.13 -15.76 -22.98
N TYR A 215 -1.25 -15.08 -22.73
CA TYR A 215 -2.58 -15.60 -23.08
C TYR A 215 -3.34 -14.60 -23.95
N ARG A 216 -4.26 -15.09 -24.76
CA ARG A 216 -5.11 -14.23 -25.57
C ARG A 216 -6.47 -14.09 -24.87
N LEU A 217 -6.84 -12.88 -24.48
CA LEU A 217 -8.10 -12.65 -23.76
C LEU A 217 -9.27 -12.77 -24.72
N VAL A 218 -10.29 -13.55 -24.35
CA VAL A 218 -11.51 -13.73 -25.16
C VAL A 218 -12.79 -13.62 -24.33
N LYS A 219 -13.91 -13.47 -25.06
CA LYS A 219 -15.27 -13.65 -24.56
C LYS A 219 -15.82 -15.00 -25.04
N MET B 2 1.61 6.90 36.53
CA MET B 2 2.49 5.79 36.26
C MET B 2 1.68 4.51 36.21
N ARG B 3 0.37 4.69 36.20
CA ARG B 3 -0.67 3.64 36.14
C ARG B 3 -1.42 3.53 34.80
N SER B 4 -1.34 4.57 33.96
CA SER B 4 -2.17 4.68 32.76
C SER B 4 -1.58 5.69 31.79
N ILE B 5 -2.21 5.86 30.63
CA ILE B 5 -1.73 6.77 29.64
C ILE B 5 -2.13 8.19 30.08
N ALA B 6 -1.24 8.84 30.83
CA ALA B 6 -1.52 10.12 31.47
C ALA B 6 -0.26 10.91 31.69
N SER B 7 -0.31 12.19 31.38
CA SER B 7 0.70 13.15 31.83
C SER B 7 0.06 13.96 32.94
N SER B 8 0.70 15.05 33.36
CA SER B 8 0.12 15.95 34.36
C SER B 8 -1.13 16.68 33.84
N LYS B 9 -1.20 16.91 32.54
CA LYS B 9 -2.26 17.74 31.99
C LYS B 9 -3.32 17.03 31.16
N LEU B 10 -3.05 15.79 30.73
CA LEU B 10 -3.95 15.10 29.82
C LEU B 10 -3.87 13.61 30.02
N TRP B 11 -5.03 12.95 29.99
CA TRP B 11 -5.07 11.51 30.05
C TRP B 11 -6.09 10.89 29.11
N MET B 12 -5.72 9.75 28.54
CA MET B 12 -6.61 8.96 27.71
C MET B 12 -7.57 8.20 28.60
N LEU B 13 -8.87 8.34 28.37
CA LEU B 13 -9.86 7.45 29.01
C LEU B 13 -10.21 6.27 28.12
N GLU B 14 -10.35 6.50 26.81
CA GLU B 14 -10.92 5.49 25.90
C GLU B 14 -10.30 5.68 24.54
N PHE B 15 -10.07 4.56 23.86
CA PHE B 15 -9.76 4.58 22.45
C PHE B 15 -10.34 3.31 21.82
N SER B 16 -10.98 3.42 20.66
CA SER B 16 -11.43 2.25 19.95
C SER B 16 -11.49 2.47 18.44
N ALA B 17 -11.24 1.40 17.69
CA ALA B 17 -11.50 1.36 16.27
C ALA B 17 -12.36 0.11 16.03
N PHE B 18 -13.40 0.29 15.23
CA PHE B 18 -14.42 -0.71 15.13
C PHE B 18 -15.09 -0.77 13.77
N LEU B 19 -15.77 -1.88 13.53
CA LEU B 19 -16.60 -2.07 12.34
C LEU B 19 -18.00 -2.33 12.82
N GLU B 20 -18.92 -1.46 12.42
CA GLU B 20 -20.30 -1.59 12.81
C GLU B 20 -21.14 -2.03 11.63
N ARG B 21 -21.81 -3.15 11.77
CA ARG B 21 -22.57 -3.74 10.71
C ARG B 21 -24.05 -3.77 11.10
N GLN B 22 -24.86 -2.98 10.41
CA GLN B 22 -26.28 -2.99 10.51
C GLN B 22 -26.83 -4.31 9.99
N GLN B 23 -27.38 -5.14 10.89
CA GLN B 23 -27.99 -6.42 10.54
C GLN B 23 -29.47 -6.29 10.20
N ASP B 24 -30.19 -5.40 10.92
CA ASP B 24 -31.62 -5.09 10.74
C ASP B 24 -31.75 -3.55 10.62
N PRO B 25 -32.99 -3.03 10.38
CA PRO B 25 -33.24 -1.62 10.68
C PRO B 25 -32.85 -1.11 12.10
N ASP B 26 -33.05 -1.95 13.13
CA ASP B 26 -32.75 -1.61 14.54
C ASP B 26 -31.46 -2.21 15.18
N THR B 27 -30.85 -3.19 14.52
CA THR B 27 -29.89 -4.12 15.14
C THR B 27 -28.49 -4.03 14.48
N TYR B 28 -27.46 -3.89 15.31
CA TYR B 28 -26.11 -3.62 14.81
C TYR B 28 -25.10 -4.51 15.56
N ASN B 29 -24.13 -5.05 14.81
CA ASN B 29 -22.95 -5.73 15.36
C ASN B 29 -21.82 -4.73 15.37
N LYS B 30 -21.10 -4.61 16.47
CA LYS B 30 -19.99 -3.69 16.59
C LYS B 30 -18.76 -4.54 16.89
N HIS B 31 -17.88 -4.70 15.90
CA HIS B 31 -16.68 -5.50 16.10
C HIS B 31 -15.54 -4.54 16.44
N LEU B 32 -14.85 -4.78 17.55
CA LEU B 32 -13.73 -3.94 18.00
C LEU B 32 -12.43 -4.51 17.42
N PHE B 33 -11.73 -3.73 16.58
CA PHE B 33 -10.42 -4.14 16.07
C PHE B 33 -9.38 -4.01 17.18
N VAL B 34 -9.39 -2.84 17.81
CA VAL B 34 -8.55 -2.54 18.98
C VAL B 34 -9.36 -1.66 19.92
N HIS B 35 -8.99 -1.64 21.20
CA HIS B 35 -9.80 -1.08 22.23
C HIS B 35 -9.01 -0.89 23.54
N ILE B 36 -8.93 0.36 24.02
CA ILE B 36 -8.41 0.66 25.33
C ILE B 36 -9.52 1.37 26.10
N SER B 37 -9.78 0.93 27.31
CA SER B 37 -10.69 1.62 28.24
C SER B 37 -10.08 1.68 29.64
N GLN B 38 -9.85 2.87 30.18
CA GLN B 38 -9.28 3.03 31.55
C GLN B 38 -9.91 4.10 32.45
N PRO B 46 -2.30 -0.60 39.66
CA PRO B 46 -0.89 -1.02 39.63
C PRO B 46 -0.04 -0.29 38.59
N TYR B 47 1.28 -0.30 38.77
CA TYR B 47 2.21 0.43 37.91
C TYR B 47 2.34 -0.16 36.49
N LEU B 48 2.47 0.71 35.49
CA LEU B 48 2.77 0.30 34.13
C LEU B 48 4.18 -0.27 34.08
N GLU B 49 4.35 -1.27 33.23
CA GLU B 49 5.68 -1.76 32.87
C GLU B 49 6.41 -0.68 32.05
N THR B 50 7.74 -0.71 32.05
CA THR B 50 8.57 0.30 31.38
C THR B 50 9.38 -0.31 30.23
N VAL B 51 9.63 0.52 29.23
CA VAL B 51 10.49 0.20 28.10
C VAL B 51 11.41 1.38 27.91
N ASP B 52 12.72 1.13 27.81
CA ASP B 52 13.67 2.21 27.48
C ASP B 52 13.42 2.58 26.03
N ILE B 53 13.22 3.86 25.77
CA ILE B 53 12.93 4.36 24.42
C ILE B 53 13.98 4.04 23.35
N ARG B 54 15.23 3.85 23.75
CA ARG B 54 16.28 3.38 22.84
C ARG B 54 16.01 2.01 22.23
N GLN B 55 15.25 1.16 22.93
CA GLN B 55 14.80 -0.14 22.38
C GLN B 55 13.89 0.01 21.17
N ILE B 56 13.23 1.15 20.99
CA ILE B 56 12.27 1.32 19.91
C ILE B 56 12.65 2.36 18.82
N TYR B 57 13.75 3.08 18.98
CA TYR B 57 14.30 3.96 17.91
C TYR B 57 14.49 3.22 16.56
N ASP B 58 14.86 1.95 16.52
CA ASP B 58 14.91 1.24 15.22
C ASP B 58 13.55 1.14 14.45
N LYS B 59 12.41 1.13 15.17
CA LYS B 59 11.06 1.06 14.52
C LYS B 59 10.46 2.45 14.25
N PHE B 60 11.06 3.46 14.87
CA PHE B 60 10.67 4.86 14.73
C PHE B 60 12.02 5.61 14.56
N PRO B 61 12.78 5.36 13.46
CA PRO B 61 14.13 5.98 13.37
C PRO B 61 14.19 7.51 13.16
N GLU B 62 13.09 8.16 12.81
CA GLU B 62 13.06 9.50 12.17
C GLU B 62 13.95 10.62 12.73
N LYS B 63 14.59 11.37 11.83
CA LYS B 63 15.47 12.50 12.19
C LYS B 63 14.72 13.73 12.74
N LYS B 64 14.57 14.80 11.94
CA LYS B 64 13.91 16.04 12.36
C LYS B 64 12.45 15.77 12.70
N GLY B 65 12.00 16.31 13.83
CA GLY B 65 10.63 16.10 14.32
C GLY B 65 10.29 14.69 14.81
N GLY B 66 11.30 13.83 14.91
CA GLY B 66 11.09 12.39 15.19
C GLY B 66 10.90 12.11 16.68
N LEU B 67 10.68 10.84 17.01
CA LEU B 67 10.40 10.43 18.39
C LEU B 67 11.52 10.85 19.33
N LYS B 68 12.77 10.62 18.90
CA LYS B 68 13.94 10.94 19.71
C LYS B 68 13.98 12.43 20.02
N GLU B 69 13.81 13.26 19.01
CA GLU B 69 13.81 14.70 19.24
C GLU B 69 12.65 15.13 20.17
N LEU B 70 11.47 14.57 19.96
CA LEU B 70 10.31 14.85 20.83
C LEU B 70 10.60 14.44 22.27
N PHE B 71 11.10 13.23 22.47
CA PHE B 71 11.43 12.74 23.81
C PHE B 71 12.42 13.64 24.52
N GLU B 72 13.48 14.06 23.83
CA GLU B 72 14.50 14.92 24.44
C GLU B 72 13.97 16.29 24.83
N ARG B 73 13.07 16.84 24.02
CA ARG B 73 12.35 18.08 24.40
C ARG B 73 11.51 17.84 25.67
N GLY B 74 10.87 16.68 25.78
CA GLY B 74 10.14 16.34 27.02
C GLY B 74 8.74 16.95 27.01
N PRO B 75 7.99 16.89 28.12
CA PRO B 75 8.45 16.22 29.35
C PRO B 75 8.47 14.70 29.22
N SER B 76 9.38 14.06 29.93
CA SER B 76 9.59 12.59 29.81
C SER B 76 8.40 11.78 30.31
N ASN B 77 7.55 12.33 31.19
CA ASN B 77 6.31 11.65 31.66
C ASN B 77 5.13 11.60 30.65
N ALA B 78 5.32 12.16 29.45
CA ALA B 78 4.24 12.20 28.43
C ALA B 78 4.29 11.07 27.41
N PHE B 79 5.24 10.13 27.52
CA PHE B 79 5.60 9.21 26.44
C PHE B 79 5.30 7.77 26.79
N PHE B 80 4.54 7.10 25.89
CA PHE B 80 3.98 5.75 26.12
C PHE B 80 4.13 4.95 24.83
N LEU B 81 4.24 3.64 25.00
CA LEU B 81 4.21 2.68 23.92
C LEU B 81 3.01 1.79 24.17
N VAL B 82 2.18 1.65 23.14
CA VAL B 82 1.07 0.71 23.19
C VAL B 82 1.30 -0.42 22.18
N LYS B 83 1.25 -1.66 22.65
CA LYS B 83 1.21 -2.79 21.73
C LYS B 83 -0.23 -3.28 21.62
N PHE B 84 -0.75 -3.31 20.39
CA PHE B 84 -2.08 -3.88 20.12
C PHE B 84 -2.01 -5.26 19.47
N TRP B 85 -2.85 -6.16 19.94
CA TRP B 85 -3.16 -7.40 19.23
C TRP B 85 -4.53 -7.15 18.62
N ALA B 86 -4.56 -6.82 17.33
CA ALA B 86 -5.79 -6.46 16.64
C ALA B 86 -6.66 -7.68 16.34
N ASP B 87 -7.95 -7.56 16.61
CA ASP B 87 -8.88 -8.62 16.26
C ASP B 87 -9.40 -8.39 14.84
N LEU B 88 -8.96 -9.22 13.91
CA LEU B 88 -9.42 -9.12 12.53
C LEU B 88 -10.46 -10.16 12.15
N ASN B 89 -10.97 -10.90 13.14
CA ASN B 89 -11.99 -11.94 12.88
C ASN B 89 -13.42 -11.36 12.76
N THR B 90 -13.72 -10.77 11.61
CA THR B 90 -15.02 -10.18 11.32
C THR B 90 -15.22 -10.23 9.80
N ASN B 91 -16.46 -10.24 9.35
CA ASN B 91 -16.76 -10.25 7.92
C ASN B 91 -16.66 -8.82 7.38
N ILE B 92 -16.01 -8.65 6.23
CA ILE B 92 -15.80 -7.32 5.62
C ILE B 92 -16.40 -7.25 4.20
N ASP B 93 -17.31 -8.17 3.87
CA ASP B 93 -17.87 -8.27 2.51
C ASP B 93 -18.80 -7.09 2.18
N ASP B 94 -20.00 -7.08 2.77
CA ASP B 94 -21.11 -6.24 2.36
C ASP B 94 -20.80 -4.80 2.79
N GLU B 95 -20.15 -4.06 1.91
CA GLU B 95 -19.65 -2.69 2.23
C GLU B 95 -20.74 -1.67 2.56
N GLY B 96 -21.87 -1.70 1.83
CA GLY B 96 -23.00 -0.79 2.04
C GLY B 96 -23.52 -0.67 3.47
N SER B 97 -23.63 -1.82 4.14
CA SER B 97 -24.18 -1.88 5.50
C SER B 97 -23.08 -1.85 6.58
N ALA B 98 -21.90 -1.29 6.27
CA ALA B 98 -20.73 -1.33 7.17
C ALA B 98 -20.24 0.07 7.41
N PHE B 99 -19.86 0.36 8.65
CA PHE B 99 -19.24 1.62 9.00
C PHE B 99 -17.99 1.33 9.82
N TYR B 100 -16.85 1.82 9.35
CA TYR B 100 -15.60 1.67 10.03
C TYR B 100 -15.42 2.98 10.78
N GLY B 101 -15.26 2.89 12.09
CA GLY B 101 -15.25 4.05 12.95
C GLY B 101 -14.17 4.04 14.01
N VAL B 102 -13.91 5.25 14.52
CA VAL B 102 -13.01 5.46 15.64
C VAL B 102 -13.71 6.30 16.67
N SER B 103 -13.43 6.03 17.94
CA SER B 103 -13.95 6.80 19.06
C SER B 103 -12.83 6.95 20.06
N SER B 104 -12.87 8.04 20.81
CA SER B 104 -11.85 8.26 21.83
C SER B 104 -12.29 9.34 22.81
N GLN B 105 -11.67 9.31 23.97
CA GLN B 105 -11.91 10.30 25.01
C GLN B 105 -10.63 10.57 25.73
N TYR B 106 -10.40 11.85 25.96
CA TYR B 106 -9.31 12.35 26.78
C TYR B 106 -9.87 13.33 27.78
N GLU B 107 -9.10 13.51 28.84
CA GLU B 107 -9.52 14.34 29.94
C GLU B 107 -8.34 15.12 30.47
N SER B 108 -8.63 16.38 30.83
CA SER B 108 -7.66 17.32 31.44
C SER B 108 -8.27 18.05 32.62
N PRO B 109 -7.47 18.45 33.61
CA PRO B 109 -7.99 19.37 34.64
C PRO B 109 -8.15 20.83 34.19
N GLU B 110 -7.70 21.19 33.00
CA GLU B 110 -7.79 22.57 32.55
C GLU B 110 -8.30 22.62 31.13
N ASN B 111 -8.79 23.79 30.74
CA ASN B 111 -9.42 23.99 29.46
C ASN B 111 -8.33 24.34 28.40
N MET B 112 -7.81 23.34 27.71
CA MET B 112 -6.79 23.57 26.68
C MET B 112 -7.36 23.37 25.29
N ILE B 113 -6.82 24.07 24.34
CA ILE B 113 -7.01 23.75 22.93
C ILE B 113 -5.83 22.89 22.50
N ILE B 114 -6.11 21.70 21.95
CA ILE B 114 -5.06 20.72 21.71
C ILE B 114 -4.94 20.42 20.21
N THR B 115 -3.73 20.09 19.79
CA THR B 115 -3.46 19.68 18.40
C THR B 115 -3.10 18.19 18.46
N CYS B 116 -3.81 17.37 17.70
CA CYS B 116 -3.59 15.92 17.66
C CYS B 116 -3.02 15.53 16.29
N SER B 117 -1.79 15.04 16.31
CA SER B 117 -1.07 14.61 15.10
C SER B 117 -0.95 13.09 15.13
N THR B 118 -1.34 12.45 14.03
CA THR B 118 -1.18 11.00 13.86
C THR B 118 -0.37 10.75 12.59
N LYS B 119 0.76 10.06 12.72
CA LYS B 119 1.58 9.66 11.58
C LYS B 119 1.61 8.15 11.48
N VAL B 120 1.28 7.64 10.30
CA VAL B 120 1.32 6.22 10.04
C VAL B 120 2.55 5.95 9.18
N CYS B 121 3.38 5.00 9.65
CA CYS B 121 4.58 4.59 8.93
C CYS B 121 4.45 3.15 8.52
N SER B 122 4.77 2.91 7.25
CA SER B 122 4.72 1.58 6.65
C SER B 122 6.06 1.32 6.00
N PHE B 123 6.73 0.27 6.46
CA PHE B 123 8.05 -0.19 5.97
C PHE B 123 9.03 0.98 5.87
N GLY B 124 9.11 1.79 6.92
CA GLY B 124 10.02 2.93 6.94
C GLY B 124 9.37 4.24 6.59
N LYS B 125 8.52 4.28 5.56
CA LYS B 125 8.00 5.55 5.04
C LYS B 125 6.68 6.03 5.70
N GLN B 126 6.58 7.35 5.86
CA GLN B 126 5.36 7.99 6.32
C GLN B 126 4.31 7.95 5.24
N VAL B 127 3.24 7.20 5.46
CA VAL B 127 2.19 7.04 4.45
C VAL B 127 0.95 7.90 4.70
N VAL B 128 0.70 8.30 5.95
CA VAL B 128 -0.44 9.17 6.28
C VAL B 128 0.05 10.16 7.36
N GLU B 129 -0.42 11.40 7.27
CA GLU B 129 -0.31 12.34 8.37
C GLU B 129 -1.65 13.05 8.53
N LYS B 130 -2.25 12.92 9.70
CA LYS B 130 -3.50 13.58 10.03
C LYS B 130 -3.22 14.54 11.20
N VAL B 131 -3.66 15.78 11.07
CA VAL B 131 -3.52 16.77 12.14
C VAL B 131 -4.88 17.43 12.34
N GLU B 132 -5.32 17.44 13.59
CA GLU B 132 -6.65 17.99 13.97
C GLU B 132 -6.47 18.88 15.20
N THR B 133 -7.30 19.91 15.30
CA THR B 133 -7.40 20.71 16.51
C THR B 133 -8.68 20.30 17.22
N GLU B 134 -8.57 19.97 18.50
CA GLU B 134 -9.75 19.60 19.30
C GLU B 134 -9.92 20.55 20.48
N TYR B 135 -11.16 20.69 20.90
CA TYR B 135 -11.64 21.66 21.90
C TYR B 135 -12.38 20.88 22.97
N ALA B 136 -12.31 21.37 24.19
CA ALA B 136 -12.85 20.67 25.32
C ALA B 136 -14.27 21.06 25.64
N ARG B 137 -14.98 20.14 26.32
CA ARG B 137 -16.22 20.47 27.00
C ARG B 137 -16.04 20.23 28.48
N TYR B 138 -16.49 21.20 29.27
CA TYR B 138 -16.52 21.03 30.71
C TYR B 138 -17.47 19.92 31.13
N GLU B 139 -16.97 19.03 31.98
CA GLU B 139 -17.77 17.91 32.47
C GLU B 139 -17.18 17.41 33.80
N ASN B 140 -17.97 17.51 34.88
CA ASN B 140 -17.68 16.84 36.17
C ASN B 140 -16.34 17.28 36.75
N GLY B 141 -16.15 18.60 36.79
CA GLY B 141 -14.95 19.22 37.32
C GLY B 141 -13.75 19.27 36.40
N HIS B 142 -13.83 18.65 35.23
CA HIS B 142 -12.67 18.50 34.32
C HIS B 142 -13.08 18.92 32.90
N TYR B 143 -12.14 18.82 31.96
CA TYR B 143 -12.37 19.16 30.57
C TYR B 143 -12.20 17.90 29.71
N LEU B 144 -13.23 17.61 28.92
CA LEU B 144 -13.31 16.35 28.14
C LEU B 144 -13.14 16.64 26.66
N TYR B 145 -12.37 15.80 25.97
CA TYR B 145 -12.23 15.85 24.51
C TYR B 145 -12.76 14.49 24.04
N ARG B 146 -13.82 14.50 23.24
CA ARG B 146 -14.52 13.29 22.89
C ARG B 146 -14.71 13.21 21.37
N ILE B 147 -14.28 12.11 20.80
CA ILE B 147 -14.54 11.80 19.40
C ILE B 147 -15.50 10.63 19.46
N HIS B 148 -16.68 10.81 18.88
CA HIS B 148 -17.67 9.75 18.82
C HIS B 148 -17.92 9.31 17.36
N ARG B 149 -17.61 8.07 17.03
CA ARG B 149 -17.93 7.51 15.70
C ARG B 149 -17.47 8.40 14.53
N SER B 150 -16.24 8.84 14.59
CA SER B 150 -15.60 9.47 13.44
C SER B 150 -15.18 8.37 12.41
N PRO B 151 -15.33 8.60 11.09
CA PRO B 151 -14.93 7.57 10.12
C PRO B 151 -13.46 7.21 10.17
N LEU B 152 -13.17 5.91 10.13
CA LEU B 152 -11.77 5.44 10.06
C LEU B 152 -11.24 5.88 8.71
N CYS B 153 -10.03 6.42 8.67
CA CYS B 153 -9.47 6.88 7.38
C CYS B 153 -9.38 5.72 6.39
N GLU B 154 -9.52 6.08 5.12
CA GLU B 154 -9.59 5.12 4.05
C GLU B 154 -8.35 4.24 3.97
N TYR B 155 -7.18 4.82 4.26
CA TYR B 155 -5.93 4.06 4.22
C TYR B 155 -6.07 2.86 5.17
N MET B 156 -6.53 3.11 6.39
CA MET B 156 -6.66 2.04 7.36
C MET B 156 -7.73 1.00 7.03
N ILE B 157 -8.86 1.43 6.45
CA ILE B 157 -9.89 0.48 6.00
C ILE B 157 -9.26 -0.45 4.96
N ASN B 158 -8.54 0.14 4.00
CA ASN B 158 -7.97 -0.64 2.91
C ASN B 158 -6.83 -1.51 3.43
N PHE B 159 -6.09 -1.04 4.43
CA PHE B 159 -5.01 -1.85 5.07
C PHE B 159 -5.60 -3.09 5.74
N ILE B 160 -6.70 -2.93 6.47
CA ILE B 160 -7.38 -4.06 7.10
C ILE B 160 -7.78 -5.09 6.06
N HIS B 161 -8.40 -4.65 4.99
CA HIS B 161 -8.83 -5.55 3.91
C HIS B 161 -7.63 -6.28 3.28
N LYS B 162 -6.49 -5.59 3.13
CA LYS B 162 -5.28 -6.25 2.62
C LYS B 162 -4.73 -7.29 3.58
N LEU B 163 -4.65 -6.98 4.87
CA LEU B 163 -4.23 -7.97 5.86
C LEU B 163 -5.10 -9.23 5.83
N LYS B 164 -6.41 -9.01 5.73
CA LYS B 164 -7.37 -10.12 5.78
C LYS B 164 -7.31 -11.00 4.55
N HIS B 165 -6.79 -10.49 3.43
CA HIS B 165 -6.64 -11.31 2.26
C HIS B 165 -5.49 -12.32 2.41
N LEU B 166 -4.55 -12.10 3.33
CA LEU B 166 -3.45 -13.01 3.48
C LEU B 166 -3.96 -14.34 4.06
N PRO B 167 -3.40 -15.48 3.63
CA PRO B 167 -4.00 -16.77 4.02
C PRO B 167 -3.63 -17.26 5.44
N GLU B 168 -2.72 -16.58 6.12
CA GLU B 168 -2.15 -17.04 7.37
C GLU B 168 -1.80 -15.84 8.24
N LYS B 169 -2.13 -15.96 9.52
CA LYS B 169 -1.84 -14.93 10.48
C LYS B 169 -0.35 -14.57 10.59
N TYR B 170 0.54 -15.56 10.45
CA TYR B 170 1.97 -15.28 10.51
C TYR B 170 2.40 -14.25 9.43
N MET B 171 1.74 -14.29 8.28
CA MET B 171 1.98 -13.29 7.22
C MET B 171 1.48 -11.92 7.61
N MET B 172 0.30 -11.89 8.21
CA MET B 172 -0.23 -10.63 8.76
C MET B 172 0.73 -10.03 9.78
N ASN B 173 1.24 -10.87 10.66
CA ASN B 173 2.26 -10.41 11.64
C ASN B 173 3.56 -9.96 11.05
N SER B 174 4.03 -10.61 9.95
CA SER B 174 5.23 -10.14 9.26
C SER B 174 5.04 -8.75 8.71
N VAL B 175 3.89 -8.51 8.09
CA VAL B 175 3.59 -7.19 7.58
C VAL B 175 3.57 -6.19 8.74
N LEU B 176 2.89 -6.54 9.83
CA LEU B 176 2.73 -5.63 10.94
C LEU B 176 4.01 -5.28 11.71
N GLU B 177 5.06 -6.10 11.60
CA GLU B 177 6.39 -5.75 12.13
C GLU B 177 6.94 -4.48 11.53
N ASN B 178 6.48 -4.11 10.34
CA ASN B 178 6.93 -2.94 9.64
C ASN B 178 5.94 -1.80 9.66
N PHE B 179 4.95 -1.87 10.56
CA PHE B 179 3.86 -0.91 10.58
C PHE B 179 3.81 -0.24 11.93
N THR B 180 3.88 1.09 11.94
CA THR B 180 3.71 1.83 13.21
C THR B 180 2.88 3.06 13.08
N ILE B 181 2.35 3.50 14.21
CA ILE B 181 1.62 4.76 14.27
C ILE B 181 2.22 5.56 15.42
N LEU B 182 2.44 6.85 15.17
CA LEU B 182 2.88 7.78 16.21
C LEU B 182 1.83 8.88 16.37
N GLN B 183 1.32 9.04 17.58
CA GLN B 183 0.37 10.08 17.96
C GLN B 183 1.06 11.10 18.88
N VAL B 184 1.01 12.37 18.54
CA VAL B 184 1.53 13.45 19.40
C VAL B 184 0.42 14.44 19.67
N VAL B 185 0.10 14.64 20.94
CA VAL B 185 -0.91 15.58 21.37
C VAL B 185 -0.17 16.76 22.01
N THR B 186 -0.40 17.94 21.46
CA THR B 186 0.30 19.15 21.84
C THR B 186 -0.72 20.21 22.33
N ASN B 187 -0.35 21.00 23.31
CA ASN B 187 -1.10 22.24 23.63
C ASN B 187 -0.89 23.26 22.53
N ARG B 188 -1.97 23.67 21.88
CA ARG B 188 -1.83 24.58 20.73
C ARG B 188 -1.12 25.91 21.08
N ASP B 189 -1.38 26.47 22.26
CA ASP B 189 -0.76 27.75 22.57
C ASP B 189 0.70 27.58 23.03
N THR B 190 0.92 26.74 24.03
CA THR B 190 2.25 26.61 24.66
C THR B 190 3.21 25.74 23.84
N GLN B 191 2.67 24.93 22.93
CA GLN B 191 3.46 23.93 22.20
C GLN B 191 4.04 22.83 23.12
N GLU B 192 3.57 22.72 24.35
CA GLU B 192 3.98 21.64 25.23
C GLU B 192 3.42 20.31 24.69
N THR B 193 4.25 19.26 24.72
CA THR B 193 3.79 17.92 24.38
C THR B 193 3.02 17.42 25.58
N LEU B 194 1.75 17.10 25.38
CA LEU B 194 0.86 16.66 26.43
C LEU B 194 0.84 15.13 26.51
N LEU B 195 0.88 14.47 25.35
CA LEU B 195 0.95 13.01 25.28
C LEU B 195 1.60 12.63 23.97
N CYS B 196 2.43 11.61 24.03
CA CYS B 196 3.01 11.05 22.83
C CYS B 196 2.95 9.56 22.96
N ILE B 197 2.25 8.91 22.03
CA ILE B 197 2.01 7.49 22.10
C ILE B 197 2.50 6.82 20.83
N ALA B 198 3.44 5.90 21.01
CA ALA B 198 3.94 5.05 19.93
C ALA B 198 3.12 3.75 19.91
N TYR B 199 2.61 3.35 18.75
CA TYR B 199 1.75 2.18 18.64
C TYR B 199 2.40 1.13 17.72
N VAL B 200 2.44 -0.11 18.20
CA VAL B 200 2.85 -1.27 17.38
C VAL B 200 1.79 -2.34 17.44
N PHE B 201 1.87 -3.27 16.46
CA PHE B 201 0.76 -4.18 16.19
C PHE B 201 1.17 -5.61 15.90
N GLU B 202 0.35 -6.54 16.37
CA GLU B 202 0.27 -7.90 15.90
C GLU B 202 -1.22 -8.21 15.73
N VAL B 203 -1.52 -9.34 15.12
CA VAL B 203 -2.90 -9.81 14.99
C VAL B 203 -3.16 -10.71 16.17
N SER B 204 -4.35 -10.64 16.75
CA SER B 204 -4.66 -11.48 17.88
C SER B 204 -4.72 -12.96 17.44
N ALA B 205 -4.13 -13.80 18.26
CA ALA B 205 -4.00 -15.21 18.01
C ALA B 205 -5.29 -15.89 18.27
N SER B 206 -6.04 -15.34 19.20
CA SER B 206 -7.34 -15.88 19.55
C SER B 206 -8.35 -15.78 18.41
N GLU B 207 -9.36 -16.63 18.44
CA GLU B 207 -10.38 -16.56 17.43
C GLU B 207 -11.06 -15.20 17.51
N HIS B 208 -11.42 -14.77 18.72
CA HIS B 208 -12.04 -13.47 18.93
C HIS B 208 -11.51 -12.77 20.21
N GLY B 209 -11.12 -11.51 20.09
CA GLY B 209 -10.58 -10.78 21.21
C GLY B 209 -9.33 -9.93 21.03
N ALA B 210 -9.55 -8.65 20.99
CA ALA B 210 -8.50 -7.64 20.90
C ALA B 210 -7.78 -7.52 22.24
N GLN B 211 -6.49 -7.27 22.23
CA GLN B 211 -5.75 -7.09 23.46
C GLN B 211 -4.80 -5.93 23.24
N HIS B 212 -4.30 -5.42 24.36
CA HIS B 212 -3.30 -4.37 24.35
C HIS B 212 -2.39 -4.51 25.55
N HIS B 213 -1.20 -3.96 25.42
CA HIS B 213 -0.30 -3.80 26.54
C HIS B 213 0.31 -2.41 26.48
N ILE B 214 0.28 -1.70 27.61
CA ILE B 214 0.68 -0.31 27.65
C ILE B 214 1.98 -0.20 28.47
N TYR B 215 2.96 0.51 27.90
CA TYR B 215 4.23 0.74 28.57
C TYR B 215 4.54 2.22 28.71
N ARG B 216 5.28 2.57 29.76
CA ARG B 216 5.73 3.94 29.96
C ARG B 216 7.15 4.03 29.42
N LEU B 217 7.37 4.88 28.42
CA LEU B 217 8.68 5.01 27.79
C LEU B 217 9.59 5.79 28.71
N VAL B 218 10.80 5.27 28.96
CA VAL B 218 11.78 5.97 29.81
C VAL B 218 13.18 6.02 29.17
N LYS B 219 14.06 6.76 29.81
CA LYS B 219 15.45 6.81 29.36
C LYS B 219 16.28 7.04 30.59
N GLU B 220 16.78 5.94 31.13
CA GLU B 220 17.48 5.91 32.38
C GLU B 220 18.56 4.82 32.30
#